data_3E0N
#
_entry.id   3E0N
#
_cell.length_a   37.677
_cell.length_b   75.880
_cell.length_c   79.179
_cell.angle_alpha   90.00
_cell.angle_beta   90.00
_cell.angle_gamma   90.00
#
_symmetry.space_group_name_H-M   'P 21 21 21'
#
loop_
_entity.id
_entity.type
_entity.pdbx_description
1 polymer 'Prostasin heavy chain'
2 polymer DPN-PHE-ARM
3 non-polymer 'SULFATE ION'
4 non-polymer GLYCEROL
5 water water
#
loop_
_entity_poly.entity_id
_entity_poly.type
_entity_poly.pdbx_seq_one_letter_code
_entity_poly.pdbx_strand_id
1 'polypeptide(L)'
;ITGGSSAVAGQWPWQVSITYEGVHVCGGSLVSEQWVLSAAHCFPSEHHKEAYEVKLGAHQLDSYSEDAKVSTLKDIIPHP
SYLQEGSQGDIALLQLSRPITFSRYIRPISLPAAQASFPNGLHCTVTGWGHVAPSVSLLTPKPLQQLEVPLISRETCNSL
YNIDAKPEEPHFVQEDMVCAGYVEGGKDACQGDSGGPLSCPVEGLWYLTGIVSWGDACGARNRPGVYTLASSYASWIQSK
VTELQPRVVPQTQESQPDSNLHHHHHHHHHH
;
B
2 'polypeptide(L)' (DPN)F(ARM) A
#
loop_
_chem_comp.id
_chem_comp.type
_chem_comp.name
_chem_comp.formula
GOL non-polymer GLYCEROL 'C3 H8 O3'
SO4 non-polymer 'SULFATE ION' 'O4 S -2'
#
# COMPACT_ATOMS: atom_id res chain seq x y z
N ILE A 1 5.47 9.79 1.79
CA ILE A 1 6.48 9.19 2.66
C ILE A 1 7.32 10.28 3.32
N THR A 2 7.43 10.25 4.66
CA THR A 2 8.28 11.23 5.34
C THR A 2 9.44 10.49 5.97
N GLY A 3 10.63 11.09 5.88
CA GLY A 3 11.75 10.50 6.59
C GLY A 3 12.48 9.46 5.77
N GLY A 4 12.07 9.31 4.50
CA GLY A 4 12.66 8.28 3.69
C GLY A 4 13.62 8.84 2.68
N SER A 5 13.82 8.12 1.58
CA SER A 5 14.74 8.65 0.57
C SER A 5 14.19 8.41 -0.81
N SER A 6 14.85 8.95 -1.83
CA SER A 6 14.43 8.65 -3.20
C SER A 6 14.90 7.29 -3.66
N ALA A 7 13.93 6.49 -4.09
CA ALA A 7 14.27 5.22 -4.72
C ALA A 7 15.03 5.43 -6.04
N VAL A 8 15.83 4.46 -6.43
CA VAL A 8 16.37 4.52 -7.79
C VAL A 8 15.37 3.89 -8.77
N ALA A 9 15.41 4.28 -10.04
CA ALA A 9 14.45 3.77 -11.05
C ALA A 9 14.58 2.24 -11.11
N GLY A 10 13.47 1.52 -11.17
CA GLY A 10 13.56 0.07 -11.28
C GLY A 10 13.60 -0.63 -9.93
N GLN A 11 13.84 0.13 -8.86
CA GLN A 11 13.92 -0.49 -7.54
C GLN A 11 12.64 -1.19 -7.02
N TRP A 12 11.49 -0.57 -7.21
CA TRP A 12 10.24 -1.13 -6.61
C TRP A 12 9.24 -1.22 -7.77
N PRO A 13 9.49 -2.15 -8.69
CA PRO A 13 8.77 -2.12 -9.98
C PRO A 13 7.29 -2.46 -9.90
N TRP A 14 6.84 -2.90 -8.71
CA TRP A 14 5.44 -3.21 -8.52
C TRP A 14 4.73 -1.96 -8.02
N GLN A 15 5.47 -0.89 -7.67
CA GLN A 15 4.75 0.31 -7.19
C GLN A 15 4.03 0.99 -8.33
N VAL A 16 2.74 1.31 -8.14
CA VAL A 16 2.02 2.07 -9.15
C VAL A 16 1.41 3.29 -8.55
N SER A 17 1.02 4.22 -9.41
CA SER A 17 0.38 5.46 -8.98
C SER A 17 -1.06 5.42 -9.53
N ILE A 18 -2.03 5.78 -8.69
CA ILE A 18 -3.41 5.81 -9.11
C ILE A 18 -3.85 7.27 -9.13
N THR A 19 -4.43 7.67 -10.25
CA THR A 19 -4.96 9.02 -10.31
C THR A 19 -6.45 8.97 -10.43
N TYR A 20 -7.09 10.05 -9.97
CA TYR A 20 -8.54 10.19 -10.13
C TYR A 20 -8.76 11.55 -10.76
N GLU A 21 -9.42 11.52 -11.91
CA GLU A 21 -9.54 12.72 -12.76
C GLU A 21 -8.15 13.40 -12.96
N GLY A 22 -7.11 12.57 -13.14
CA GLY A 22 -5.76 13.06 -13.46
C GLY A 22 -4.90 13.43 -12.27
N VAL A 23 -5.50 13.38 -11.09
CA VAL A 23 -4.77 13.79 -9.86
C VAL A 23 -4.30 12.54 -9.10
N HIS A 24 -3.03 12.49 -8.71
CA HIS A 24 -2.52 11.32 -8.00
C HIS A 24 -3.23 11.31 -6.66
N VAL A 25 -3.84 10.19 -6.32
CA VAL A 25 -4.53 10.10 -5.05
C VAL A 25 -4.00 8.97 -4.17
N CYS A 26 -3.46 7.94 -4.77
CA CYS A 26 -3.06 6.76 -3.98
CA CYS A 26 -2.97 6.83 -3.94
C CYS A 26 -2.01 5.96 -4.71
N GLY A 27 -1.40 5.03 -4.01
CA GLY A 27 -0.50 4.09 -4.65
C GLY A 27 -1.25 2.77 -4.83
N GLY A 28 -0.51 1.81 -5.38
CA GLY A 28 -1.03 0.45 -5.40
C GLY A 28 0.14 -0.45 -5.73
N SER A 29 -0.09 -1.76 -5.73
CA SER A 29 0.99 -2.70 -6.00
C SER A 29 0.57 -3.59 -7.12
N LEU A 30 1.39 -3.68 -8.17
CA LEU A 30 1.09 -4.58 -9.27
C LEU A 30 1.25 -6.01 -8.75
N VAL A 31 0.24 -6.86 -8.88
CA VAL A 31 0.38 -8.24 -8.41
C VAL A 31 0.26 -9.29 -9.53
N SER A 32 -0.01 -8.85 -10.75
CA SER A 32 0.02 -9.77 -11.87
C SER A 32 0.06 -8.89 -13.12
N GLU A 33 0.01 -9.49 -14.32
CA GLU A 33 -0.04 -8.64 -15.52
C GLU A 33 -1.29 -7.76 -15.61
N GLN A 34 -2.35 -8.04 -14.86
CA GLN A 34 -3.58 -7.27 -15.03
C GLN A 34 -4.26 -6.82 -13.75
N TRP A 35 -3.68 -7.18 -12.62
CA TRP A 35 -4.30 -6.82 -11.34
C TRP A 35 -3.34 -6.03 -10.47
N VAL A 36 -3.93 -5.10 -9.74
CA VAL A 36 -3.24 -4.24 -8.82
C VAL A 36 -4.01 -4.34 -7.48
N LEU A 37 -3.31 -4.37 -6.34
CA LEU A 37 -3.97 -4.28 -5.04
C LEU A 37 -3.73 -2.89 -4.51
N SER A 38 -4.78 -2.29 -3.95
CA SER A 38 -4.65 -0.97 -3.39
C SER A 38 -5.57 -0.90 -2.15
N ALA A 39 -5.84 0.31 -1.65
CA ALA A 39 -6.66 0.44 -0.44
C ALA A 39 -8.06 0.83 -0.88
N ALA A 40 -9.06 0.23 -0.26
CA ALA A 40 -10.43 0.51 -0.61
C ALA A 40 -10.80 1.97 -0.36
N HIS A 41 -10.14 2.62 0.60
CA HIS A 41 -10.58 3.98 0.92
C HIS A 41 -10.24 4.97 -0.20
N CYS A 42 -9.42 4.52 -1.16
CA CYS A 42 -9.03 5.34 -2.31
C CYS A 42 -10.10 5.26 -3.38
N PHE A 43 -11.12 4.41 -3.19
CA PHE A 43 -12.11 4.14 -4.26
C PHE A 43 -13.53 4.26 -3.67
N PRO A 44 -13.89 5.47 -3.26
CA PRO A 44 -15.21 5.66 -2.63
C PRO A 44 -16.28 5.33 -3.68
N SER A 45 -17.44 4.88 -3.21
CA SER A 45 -18.52 4.42 -4.10
C SER A 45 -18.89 5.44 -5.16
N GLU A 46 -18.82 6.72 -4.80
CA GLU A 46 -19.33 7.76 -5.68
C GLU A 46 -18.39 8.07 -6.84
N HIS A 47 -17.16 7.55 -6.79
CA HIS A 47 -16.22 7.86 -7.85
C HIS A 47 -16.52 6.96 -9.03
N HIS A 48 -16.23 7.46 -10.23
CA HIS A 48 -16.50 6.68 -11.44
C HIS A 48 -15.26 5.84 -11.75
N LYS A 49 -15.44 4.55 -11.93
CA LYS A 49 -14.33 3.69 -12.30
C LYS A 49 -13.54 4.27 -13.50
N GLU A 50 -14.27 4.80 -14.50
CA GLU A 50 -13.60 5.35 -15.73
C GLU A 50 -12.79 6.62 -15.47
N ALA A 51 -12.89 7.18 -14.26
CA ALA A 51 -12.05 8.37 -14.03
C ALA A 51 -10.70 8.05 -13.41
N TYR A 52 -10.40 6.77 -13.18
CA TYR A 52 -9.13 6.42 -12.61
C TYR A 52 -8.12 6.04 -13.70
N GLU A 53 -6.84 6.29 -13.43
CA GLU A 53 -5.79 5.79 -14.31
C GLU A 53 -4.71 5.24 -13.39
N VAL A 54 -3.95 4.27 -13.90
CA VAL A 54 -2.84 3.68 -13.15
C VAL A 54 -1.60 3.96 -13.95
N LYS A 55 -0.58 4.53 -13.31
CA LYS A 55 0.69 4.70 -14.01
C LYS A 55 1.71 3.73 -13.40
N LEU A 56 2.32 2.91 -14.27
CA LEU A 56 3.32 1.88 -13.92
C LEU A 56 4.67 2.27 -14.53
N GLY A 57 5.75 1.81 -13.92
CA GLY A 57 7.07 1.96 -14.52
C GLY A 57 7.65 3.36 -14.36
N ALA A 58 7.01 4.27 -13.58
CA ALA A 58 7.52 5.61 -13.50
C ALA A 58 8.15 5.76 -12.12
N HIS A 59 9.37 6.29 -12.01
CA HIS A 59 9.88 6.66 -10.70
C HIS A 59 9.60 8.14 -10.37
N GLN A 60 9.71 9.02 -11.37
CA GLN A 60 9.37 10.42 -11.10
C GLN A 60 7.97 10.65 -11.63
N LEU A 61 7.02 10.90 -10.77
CA LEU A 61 5.64 11.03 -11.24
C LEU A 61 5.39 12.17 -12.19
N ASP A 62 6.19 13.25 -12.12
CA ASP A 62 6.01 14.40 -12.96
C ASP A 62 7.06 14.51 -14.09
N SER A 63 7.68 13.40 -14.44
CA SER A 63 8.64 13.36 -15.56
C SER A 63 8.14 12.32 -16.53
N TYR A 64 8.11 12.70 -17.79
CA TYR A 64 7.81 11.76 -18.80
C TYR A 64 8.86 10.62 -18.76
N SER A 65 8.42 9.39 -19.03
CA SER A 65 9.34 8.29 -19.14
C SER A 65 8.87 7.35 -20.21
N GLU A 66 9.79 6.96 -21.08
CA GLU A 66 9.44 6.01 -22.11
C GLU A 66 9.17 4.66 -21.48
N ASP A 67 9.63 4.48 -20.24
CA ASP A 67 9.38 3.20 -19.60
C ASP A 67 8.00 3.11 -18.85
N ALA A 68 7.32 4.25 -18.76
CA ALA A 68 6.08 4.34 -18.02
C ALA A 68 4.94 3.79 -18.87
N LYS A 69 3.97 3.13 -18.24
CA LYS A 69 2.74 2.72 -18.94
C LYS A 69 1.56 3.25 -18.14
N VAL A 70 0.50 3.61 -18.83
CA VAL A 70 -0.66 4.16 -18.11
C VAL A 70 -1.83 3.32 -18.56
N SER A 71 -2.67 2.89 -17.62
CA SER A 71 -3.74 1.96 -17.91
CA SER A 71 -3.77 2.01 -17.95
C SER A 71 -5.02 2.52 -17.29
N THR A 72 -6.16 2.21 -17.88
CA THR A 72 -7.43 2.48 -17.25
C THR A 72 -7.82 1.22 -16.51
N LEU A 73 -8.94 1.27 -15.77
CA LEU A 73 -9.42 0.14 -14.96
C LEU A 73 -10.69 -0.46 -15.54
N LYS A 74 -10.75 -1.80 -15.53
CA LYS A 74 -11.98 -2.48 -15.95
C LYS A 74 -12.78 -2.99 -14.77
N ASP A 75 -12.19 -3.02 -13.59
CA ASP A 75 -12.98 -3.45 -12.43
C ASP A 75 -12.31 -2.88 -11.18
N ILE A 76 -13.12 -2.56 -10.18
CA ILE A 76 -12.60 -2.22 -8.83
C ILE A 76 -13.40 -3.06 -7.86
N ILE A 77 -12.74 -3.83 -7.03
CA ILE A 77 -13.47 -4.72 -6.14
C ILE A 77 -12.96 -4.42 -4.73
N PRO A 78 -13.67 -3.59 -3.98
CA PRO A 78 -13.26 -3.35 -2.58
C PRO A 78 -13.65 -4.55 -1.77
N HIS A 79 -12.97 -4.76 -0.66
CA HIS A 79 -13.40 -5.84 0.24
C HIS A 79 -14.80 -5.49 0.75
N PRO A 80 -15.67 -6.52 0.82
CA PRO A 80 -17.06 -6.16 1.13
C PRO A 80 -17.21 -5.69 2.60
N SER A 81 -16.22 -6.00 3.47
CA SER A 81 -16.29 -5.52 4.85
C SER A 81 -16.00 -4.02 4.92
N TYR A 82 -15.53 -3.45 3.82
CA TYR A 82 -15.11 -2.06 3.92
C TYR A 82 -16.29 -1.03 4.07
N LEU A 83 -16.20 -0.18 5.09
CA LEU A 83 -17.13 0.92 5.37
C LEU A 83 -16.30 2.23 5.29
N GLN A 84 -16.76 3.23 4.55
CA GLN A 84 -16.05 4.50 4.47
C GLN A 84 -15.88 5.15 5.87
N GLU A 85 -14.67 5.64 6.14
CA GLU A 85 -14.26 6.24 7.41
C GLU A 85 -14.05 5.20 8.56
N GLY A 86 -14.20 3.92 8.20
CA GLY A 86 -13.94 2.82 9.12
C GLY A 86 -12.60 2.17 8.76
N SER A 87 -12.00 1.44 9.72
CA SER A 87 -10.70 0.89 9.47
C SER A 87 -10.74 -0.50 8.79
N GLN A 88 -11.73 -1.32 9.07
CA GLN A 88 -11.76 -2.70 8.63
C GLN A 88 -11.78 -2.84 7.10
N GLY A 89 -11.03 -3.79 6.57
CA GLY A 89 -11.21 -4.17 5.18
C GLY A 89 -10.67 -3.17 4.13
N ASP A 90 -9.61 -2.43 4.49
CA ASP A 90 -9.15 -1.35 3.64
C ASP A 90 -8.28 -1.92 2.51
N ILE A 91 -8.90 -2.55 1.53
CA ILE A 91 -8.13 -3.23 0.50
C ILE A 91 -9.07 -3.40 -0.67
N ALA A 92 -8.54 -3.27 -1.88
CA ALA A 92 -9.36 -3.36 -3.06
C ALA A 92 -8.52 -3.94 -4.17
N LEU A 93 -9.13 -4.80 -4.97
CA LEU A 93 -8.49 -5.33 -6.20
C LEU A 93 -8.88 -4.49 -7.39
N LEU A 94 -7.90 -4.13 -8.23
CA LEU A 94 -8.18 -3.28 -9.39
C LEU A 94 -7.71 -4.11 -10.57
N GLN A 95 -8.57 -4.21 -11.57
CA GLN A 95 -8.18 -4.90 -12.79
C GLN A 95 -7.95 -3.87 -13.86
N LEU A 96 -6.77 -3.90 -14.48
CA LEU A 96 -6.44 -2.96 -15.54
C LEU A 96 -7.25 -3.35 -16.77
N SER A 97 -7.57 -2.36 -17.60
CA SER A 97 -8.37 -2.66 -18.78
C SER A 97 -7.77 -3.69 -19.74
N ARG A 98 -6.44 -3.70 -19.81
CA ARG A 98 -5.65 -4.67 -20.56
C ARG A 98 -4.44 -5.09 -19.76
N PRO A 99 -3.96 -6.31 -19.98
CA PRO A 99 -2.74 -6.76 -19.32
C PRO A 99 -1.55 -5.92 -19.75
N ILE A 100 -0.61 -5.73 -18.85
CA ILE A 100 0.54 -4.92 -19.27
C ILE A 100 1.75 -5.86 -19.48
N THR A 101 2.75 -5.42 -20.23
CA THR A 101 3.95 -6.23 -20.42
C THR A 101 4.97 -5.86 -19.34
N PHE A 102 5.53 -6.84 -18.67
CA PHE A 102 6.53 -6.56 -17.67
C PHE A 102 7.82 -6.03 -18.29
N SER A 103 8.63 -5.38 -17.48
CA SER A 103 9.93 -4.87 -17.91
C SER A 103 10.78 -4.73 -16.64
N ARG A 104 11.99 -4.22 -16.80
CA ARG A 104 12.83 -3.93 -15.65
C ARG A 104 12.07 -2.97 -14.70
N TYR A 105 11.17 -2.15 -15.26
CA TYR A 105 10.52 -1.12 -14.47
C TYR A 105 9.12 -1.47 -14.00
N ILE A 106 8.62 -2.61 -14.49
CA ILE A 106 7.23 -3.00 -14.19
C ILE A 106 7.18 -4.50 -13.96
N ARG A 107 6.97 -4.93 -12.70
CA ARG A 107 6.99 -6.37 -12.36
C ARG A 107 6.15 -6.51 -11.16
N PRO A 108 5.50 -7.64 -11.01
CA PRO A 108 4.54 -7.86 -9.92
C PRO A 108 5.27 -8.22 -8.62
N ILE A 109 4.69 -7.87 -7.48
CA ILE A 109 5.16 -8.44 -6.22
C ILE A 109 4.34 -9.67 -5.80
N SER A 110 5.00 -10.63 -5.12
CA SER A 110 4.31 -11.83 -4.65
C SER A 110 3.36 -11.48 -3.52
N LEU A 111 2.16 -12.06 -3.59
CA LEU A 111 1.22 -11.99 -2.46
C LEU A 111 1.55 -13.07 -1.45
N PRO A 112 1.51 -12.71 -0.17
CA PRO A 112 1.68 -13.75 0.87
C PRO A 112 0.40 -14.60 1.05
N ALA A 113 0.63 -15.90 1.17
CA ALA A 113 -0.45 -16.87 1.35
C ALA A 113 -1.01 -16.68 2.78
N ALA A 114 -2.20 -17.23 2.98
CA ALA A 114 -2.93 -17.04 4.19
C ALA A 114 -2.14 -17.35 5.47
N GLN A 115 -1.28 -18.34 5.43
CA GLN A 115 -0.58 -18.66 6.68
C GLN A 115 0.79 -17.99 6.84
N ALA A 116 1.09 -17.00 6.02
CA ALA A 116 2.43 -16.40 6.02
C ALA A 116 2.62 -15.65 7.32
N SER A 117 3.77 -15.76 7.96
CA SER A 117 4.03 -14.86 9.08
C SER A 117 5.37 -14.19 8.77
N PHE A 118 5.45 -12.92 9.10
CA PHE A 118 6.64 -12.11 8.93
C PHE A 118 7.03 -11.73 10.34
N PRO A 119 8.30 -11.95 10.69
CA PRO A 119 8.69 -11.82 12.10
C PRO A 119 8.62 -10.39 12.55
N ASN A 120 8.21 -10.19 13.82
CA ASN A 120 8.29 -8.83 14.32
C ASN A 120 9.71 -8.30 14.21
N GLY A 121 9.84 -7.01 13.93
CA GLY A 121 11.15 -6.40 13.79
C GLY A 121 11.79 -6.50 12.40
N LEU A 122 11.25 -7.35 11.52
CA LEU A 122 11.75 -7.38 10.15
C LEU A 122 11.65 -5.99 9.56
N HIS A 123 12.73 -5.54 8.92
CA HIS A 123 12.70 -4.28 8.24
C HIS A 123 12.11 -4.43 6.84
N CYS A 124 10.91 -3.87 6.66
CA CYS A 124 10.23 -3.91 5.37
C CYS A 124 10.33 -2.50 4.77
N THR A 125 9.89 -2.31 3.53
CA THR A 125 10.03 -0.98 2.97
C THR A 125 8.68 -0.52 2.51
N VAL A 126 8.33 0.68 2.87
CA VAL A 126 7.11 1.29 2.30
C VAL A 126 7.49 2.36 1.28
N THR A 127 6.72 2.43 0.20
CA THR A 127 7.06 3.38 -0.87
C THR A 127 5.82 4.19 -1.28
N GLY A 128 6.05 5.33 -1.91
CA GLY A 128 4.95 6.11 -2.42
C GLY A 128 5.36 7.52 -2.76
N TRP A 129 4.39 8.21 -3.36
CA TRP A 129 4.56 9.62 -3.74
C TRP A 129 3.73 10.58 -2.87
N GLY A 130 3.32 10.11 -1.71
CA GLY A 130 2.49 10.91 -0.80
C GLY A 130 3.31 11.97 -0.05
N HIS A 131 2.63 12.59 0.91
CA HIS A 131 3.17 13.78 1.57
C HIS A 131 4.51 13.49 2.26
N VAL A 132 5.34 14.52 2.40
CA VAL A 132 6.68 14.36 2.93
C VAL A 132 6.75 15.02 4.35
N ALA A 133 5.69 15.67 4.71
CA ALA A 133 5.55 16.26 6.04
C ALA A 133 4.06 16.55 6.18
N PRO A 134 3.60 16.81 7.40
CA PRO A 134 2.16 17.02 7.47
C PRO A 134 1.63 18.14 6.61
N SER A 135 0.67 17.77 5.74
CA SER A 135 0.06 18.63 4.72
C SER A 135 1.05 19.21 3.71
N VAL A 136 2.24 18.64 3.59
CA VAL A 136 3.18 19.11 2.58
C VAL A 136 3.40 18.04 1.50
N SER A 137 3.09 18.39 0.26
CA SER A 137 3.23 17.38 -0.81
C SER A 137 4.67 17.19 -1.23
N LEU A 138 4.94 16.00 -1.77
CA LEU A 138 6.22 15.75 -2.44
C LEU A 138 6.29 16.70 -3.62
N LEU A 139 7.45 17.34 -3.79
CA LEU A 139 7.56 18.33 -4.88
C LEU A 139 7.88 17.67 -6.20
N THR A 140 7.39 18.25 -7.29
CA THR A 140 7.89 17.91 -8.64
C THR A 140 9.45 17.87 -8.62
N PRO A 141 10.05 16.88 -9.27
CA PRO A 141 9.37 15.97 -10.21
C PRO A 141 8.80 14.71 -9.53
N LYS A 142 8.65 14.75 -8.20
CA LYS A 142 8.01 13.66 -7.46
C LYS A 142 8.73 12.34 -7.60
N PRO A 143 9.98 12.32 -7.12
CA PRO A 143 10.71 11.05 -7.06
C PRO A 143 10.03 10.09 -6.05
N LEU A 144 9.86 8.84 -6.47
CA LEU A 144 9.26 7.83 -5.58
C LEU A 144 10.09 7.79 -4.31
N GLN A 145 9.43 7.85 -3.17
CA GLN A 145 10.13 7.73 -1.87
C GLN A 145 10.04 6.32 -1.31
N GLN A 146 11.06 5.94 -0.55
CA GLN A 146 11.09 4.63 0.10
C GLN A 146 11.51 4.85 1.53
N LEU A 147 11.01 3.99 2.40
CA LEU A 147 11.34 4.11 3.81
C LEU A 147 11.36 2.74 4.42
N GLU A 148 12.46 2.42 5.09
CA GLU A 148 12.56 1.15 5.82
C GLU A 148 11.86 1.28 7.17
N VAL A 149 10.96 0.35 7.46
CA VAL A 149 10.20 0.40 8.72
C VAL A 149 10.16 -1.02 9.27
N PRO A 150 10.32 -1.16 10.60
CA PRO A 150 10.24 -2.50 11.19
C PRO A 150 8.79 -2.88 11.44
N LEU A 151 8.47 -4.18 11.22
CA LEU A 151 7.16 -4.68 11.58
C LEU A 151 7.04 -4.67 13.11
N ILE A 152 5.89 -4.24 13.60
CA ILE A 152 5.66 -4.18 15.06
C ILE A 152 4.65 -5.21 15.45
N SER A 153 4.82 -5.79 16.65
CA SER A 153 3.97 -6.89 17.07
C SER A 153 2.48 -6.42 17.19
N ARG A 154 1.55 -7.32 17.00
CA ARG A 154 0.15 -6.92 17.08
C ARG A 154 -0.21 -6.47 18.48
N GLU A 155 0.41 -7.09 19.50
CA GLU A 155 0.19 -6.66 20.90
C GLU A 155 0.58 -5.20 21.10
N THR A 156 1.72 -4.83 20.53
CA THR A 156 2.22 -3.45 20.67
C THR A 156 1.36 -2.46 19.90
N CYS A 157 1.00 -2.80 18.66
CA CYS A 157 0.14 -1.93 17.88
C CYS A 157 -1.21 -1.77 18.56
N ASN A 158 -1.73 -2.84 19.14
CA ASN A 158 -2.99 -2.79 19.87
C ASN A 158 -2.87 -1.79 21.03
N SER A 159 -1.77 -1.87 21.77
CA SER A 159 -1.49 -0.89 22.84
CA SER A 159 -1.55 -0.90 22.83
C SER A 159 -1.46 0.53 22.31
N LEU A 160 -0.63 0.76 21.29
CA LEU A 160 -0.42 2.12 20.79
C LEU A 160 -1.67 2.78 20.28
N TYR A 161 -2.53 1.99 19.63
CA TYR A 161 -3.73 2.54 18.93
C TYR A 161 -5.03 2.36 19.69
N ASN A 162 -5.24 1.19 20.29
CA ASN A 162 -6.53 0.94 20.91
C ASN A 162 -6.60 1.27 22.39
N ILE A 163 -5.46 1.26 23.08
CA ILE A 163 -5.47 1.52 24.51
C ILE A 163 -4.98 2.92 24.80
N ASP A 164 -3.85 3.29 24.18
CA ASP A 164 -3.20 4.58 24.46
C ASP A 164 -3.51 5.68 23.44
N ALA A 165 -4.71 5.68 22.92
CA ALA A 165 -5.09 6.72 21.95
C ALA A 165 -6.51 7.08 22.29
N LYS A 166 -6.96 8.25 21.85
CA LYS A 166 -8.32 8.68 22.19
C LYS A 166 -9.37 7.82 21.45
N PRO A 167 -10.64 7.88 21.93
CA PRO A 167 -11.71 7.09 21.28
C PRO A 167 -11.92 7.40 19.81
N GLU A 168 -11.63 8.59 19.32
CA GLU A 168 -11.82 8.80 17.89
C GLU A 168 -10.73 8.19 16.98
N GLU A 169 -9.69 7.61 17.57
CA GLU A 169 -8.63 6.96 16.81
C GLU A 169 -9.25 5.71 16.10
N PRO A 170 -8.94 5.51 14.81
CA PRO A 170 -9.45 4.30 14.18
C PRO A 170 -9.02 3.05 14.90
N HIS A 171 -9.80 2.01 14.72
CA HIS A 171 -9.63 0.83 15.54
C HIS A 171 -8.61 -0.06 14.89
N PHE A 172 -7.62 -0.52 15.65
CA PHE A 172 -6.61 -1.42 15.09
C PHE A 172 -7.12 -2.85 15.28
N VAL A 173 -7.19 -3.61 14.20
CA VAL A 173 -7.73 -4.97 14.26
C VAL A 173 -6.55 -5.91 14.10
N GLN A 174 -6.20 -6.63 15.18
CA GLN A 174 -4.92 -7.39 15.20
C GLN A 174 -4.87 -8.51 14.13
N GLU A 175 -6.04 -9.02 13.76
CA GLU A 175 -6.08 -10.15 12.85
C GLU A 175 -5.78 -9.74 11.44
N ASP A 176 -6.09 -8.49 11.10
CA ASP A 176 -6.13 -8.03 9.71
CA ASP A 176 -5.97 -8.13 9.69
C ASP A 176 -5.29 -6.79 9.39
N MET A 177 -4.55 -6.28 10.37
CA MET A 177 -3.76 -5.10 10.17
C MET A 177 -2.39 -5.31 10.77
N VAL A 178 -1.42 -4.56 10.28
CA VAL A 178 -0.11 -4.59 10.96
C VAL A 178 0.37 -3.17 11.03
N CYS A 179 0.97 -2.80 12.15
CA CYS A 179 1.64 -1.49 12.18
C CYS A 179 3.12 -1.68 12.04
N ALA A 180 3.77 -0.67 11.50
CA ALA A 180 5.15 -0.79 11.13
C ALA A 180 5.64 0.62 11.09
N GLY A 181 6.83 0.81 11.63
CA GLY A 181 7.36 2.15 11.73
C GLY A 181 8.00 2.39 13.07
N TYR A 182 7.80 3.60 13.55
CA TYR A 182 8.61 4.17 14.64
C TYR A 182 7.66 4.90 15.55
N VAL A 183 7.97 4.92 16.84
CA VAL A 183 7.21 5.82 17.71
C VAL A 183 7.86 7.23 17.74
N GLU A 184 9.13 7.28 17.38
CA GLU A 184 9.97 8.51 17.39
C GLU A 184 9.48 9.64 16.52
N GLY A 185 8.68 9.36 15.52
CA GLY A 185 8.32 10.50 14.72
C GLY A 185 9.16 10.77 13.48
N GLY A 186 8.48 11.27 12.45
CA GLY A 186 9.18 11.72 11.25
C GLY A 186 9.51 10.63 10.26
N LYS A 187 9.11 9.39 10.49
CA LYS A 187 9.37 8.31 9.55
C LYS A 187 8.07 7.46 9.37
N ASP A 188 7.35 7.67 8.29
CA ASP A 188 6.05 6.97 8.14
C ASP A 188 5.56 7.15 6.70
N ALA A 189 4.54 6.42 6.34
CA ALA A 189 3.77 6.75 5.13
C ALA A 189 2.82 7.88 5.51
N CYS A 190 2.30 8.58 4.52
CA CYS A 190 1.41 9.72 4.76
C CYS A 190 0.25 9.75 3.78
N GLN A 191 -0.52 10.83 3.85
CA GLN A 191 -1.57 11.00 2.87
C GLN A 191 -1.00 10.88 1.47
N GLY A 192 -1.72 10.19 0.57
CA GLY A 192 -1.24 10.00 -0.78
C GLY A 192 -0.46 8.73 -0.98
N ASP A 193 -0.09 8.08 0.11
CA ASP A 193 0.61 6.79 0.05
C ASP A 193 -0.28 5.54 0.14
N SER A 194 -1.53 5.73 0.55
CA SER A 194 -2.42 4.59 0.75
C SER A 194 -2.44 3.71 -0.44
N GLY A 195 -2.58 2.43 -0.17
CA GLY A 195 -2.69 1.47 -1.26
C GLY A 195 -1.33 1.01 -1.74
N GLY A 196 -0.27 1.74 -1.40
CA GLY A 196 1.05 1.38 -1.82
C GLY A 196 1.58 0.23 -0.92
N PRO A 197 2.66 -0.39 -1.34
CA PRO A 197 3.15 -1.61 -0.69
C PRO A 197 3.99 -1.37 0.55
N LEU A 198 3.76 -2.24 1.53
CA LEU A 198 4.73 -2.54 2.56
C LEU A 198 5.37 -3.83 2.04
N SER A 199 6.55 -3.69 1.43
CA SER A 199 7.26 -4.79 0.79
C SER A 199 8.22 -5.41 1.78
N CYS A 200 8.03 -6.68 2.14
CA CYS A 200 8.96 -7.30 3.12
C CYS A 200 9.78 -8.37 2.44
N PRO A 201 11.06 -8.44 2.77
CA PRO A 201 11.95 -9.42 2.15
C PRO A 201 12.05 -10.66 3.04
N VAL A 202 11.95 -11.82 2.40
CA VAL A 202 12.21 -13.11 3.06
C VAL A 202 13.04 -13.93 2.06
N GLU A 203 14.26 -14.30 2.48
CA GLU A 203 15.13 -15.15 1.65
C GLU A 203 15.26 -14.55 0.27
N GLY A 204 15.39 -13.23 0.21
CA GLY A 204 15.69 -12.60 -1.05
C GLY A 204 14.51 -12.35 -1.97
N LEU A 205 13.32 -12.76 -1.56
CA LEU A 205 12.09 -12.44 -2.30
C LEU A 205 11.26 -11.41 -1.57
N TRP A 206 10.54 -10.57 -2.32
CA TRP A 206 9.73 -9.49 -1.71
C TRP A 206 8.28 -9.92 -1.74
N TYR A 207 7.60 -9.68 -0.60
CA TYR A 207 6.17 -10.04 -0.43
C TYR A 207 5.41 -8.82 -0.04
N LEU A 208 4.21 -8.70 -0.57
CA LEU A 208 3.33 -7.60 -0.20
C LEU A 208 2.72 -7.93 1.16
N THR A 209 3.45 -7.63 2.22
CA THR A 209 2.98 -7.95 3.55
C THR A 209 1.80 -7.08 3.91
N GLY A 210 1.82 -5.83 3.47
CA GLY A 210 0.75 -4.90 3.85
C GLY A 210 0.53 -3.86 2.75
N ILE A 211 -0.56 -3.14 2.91
CA ILE A 211 -1.01 -2.09 2.00
C ILE A 211 -1.18 -0.90 2.95
N VAL A 212 -0.63 0.25 2.56
CA VAL A 212 -0.71 1.46 3.38
C VAL A 212 -2.19 1.78 3.57
N SER A 213 -2.61 1.93 4.83
CA SER A 213 -4.02 2.16 5.09
C SER A 213 -4.26 3.45 5.87
N TRP A 214 -3.65 3.60 7.04
CA TRP A 214 -3.97 4.73 7.89
C TRP A 214 -2.92 4.96 8.98
N GLY A 215 -3.04 6.10 9.65
CA GLY A 215 -2.14 6.42 10.74
C GLY A 215 -2.58 7.77 11.20
N ASP A 216 -1.69 8.50 11.87
CA ASP A 216 -2.11 9.85 12.27
C ASP A 216 -1.54 10.87 11.28
N ALA A 217 -1.18 12.05 11.75
CA ALA A 217 -0.56 13.00 10.84
C ALA A 217 0.74 12.44 10.34
N CYS A 218 1.18 12.95 9.19
CA CYS A 218 2.37 12.43 8.54
C CYS A 218 3.55 12.44 9.52
N GLY A 219 4.01 11.25 9.91
CA GLY A 219 5.17 11.13 10.76
C GLY A 219 4.90 11.41 12.23
N ALA A 220 3.61 11.39 12.63
CA ALA A 220 3.24 11.69 14.03
C ALA A 220 4.03 10.79 15.00
N ARG A 221 4.34 11.32 16.17
CA ARG A 221 4.87 10.52 17.27
C ARG A 221 3.89 9.43 17.85
N ASN A 222 4.48 8.30 18.25
CA ASN A 222 3.80 7.22 18.97
C ASN A 222 2.71 6.60 18.16
N ARG A 223 2.75 6.77 16.86
CA ARG A 223 1.69 6.15 16.06
C ARG A 223 2.34 5.64 14.79
N PRO A 224 2.93 4.44 14.85
CA PRO A 224 3.55 3.90 13.63
C PRO A 224 2.47 3.62 12.59
N GLY A 225 2.78 3.78 11.30
CA GLY A 225 1.73 3.61 10.30
C GLY A 225 1.03 2.25 10.35
N VAL A 226 -0.24 2.25 9.93
CA VAL A 226 -1.03 1.02 9.94
C VAL A 226 -1.28 0.59 8.50
N TYR A 227 -1.22 -0.71 8.31
CA TYR A 227 -1.31 -1.31 6.96
C TYR A 227 -2.30 -2.43 6.99
N THR A 228 -3.05 -2.62 5.90
CA THR A 228 -3.86 -3.83 5.79
C THR A 228 -2.95 -5.02 5.61
N LEU A 229 -3.19 -6.06 6.40
CA LEU A 229 -2.30 -7.23 6.39
C LEU A 229 -2.70 -8.13 5.27
N ALA A 230 -1.90 -8.20 4.22
CA ALA A 230 -2.38 -8.90 3.01
C ALA A 230 -2.66 -10.39 3.20
N SER A 231 -1.89 -11.05 4.07
CA SER A 231 -2.12 -12.47 4.25
C SER A 231 -3.55 -12.74 4.70
N SER A 232 -4.15 -11.81 5.47
CA SER A 232 -5.48 -12.02 5.99
C SER A 232 -6.53 -11.96 4.91
N TYR A 233 -6.15 -11.44 3.75
CA TYR A 233 -7.07 -11.34 2.61
C TYR A 233 -6.66 -12.24 1.48
N ALA A 234 -5.63 -13.06 1.70
CA ALA A 234 -5.18 -13.94 0.62
C ALA A 234 -6.28 -14.85 0.10
N SER A 235 -7.06 -15.47 1.00
CA SER A 235 -8.09 -16.38 0.50
CA SER A 235 -8.13 -16.37 0.55
C SER A 235 -9.17 -15.61 -0.24
N TRP A 236 -9.48 -14.40 0.23
CA TRP A 236 -10.45 -13.58 -0.47
C TRP A 236 -9.91 -13.21 -1.88
N ILE A 237 -8.64 -12.79 -1.94
CA ILE A 237 -8.07 -12.35 -3.20
C ILE A 237 -8.10 -13.51 -4.22
N GLN A 238 -7.60 -14.66 -3.80
CA GLN A 238 -7.53 -15.80 -4.71
C GLN A 238 -8.92 -16.31 -5.10
N SER A 239 -9.88 -16.20 -4.19
CA SER A 239 -11.22 -16.66 -4.51
C SER A 239 -11.85 -15.71 -5.53
N LYS A 240 -11.50 -14.41 -5.49
CA LYS A 240 -12.09 -13.44 -6.45
C LYS A 240 -11.40 -13.50 -7.79
N VAL A 241 -10.10 -13.75 -7.74
CA VAL A 241 -9.28 -13.64 -8.91
C VAL A 241 -8.46 -14.93 -9.02
N THR A 242 -8.96 -15.87 -9.79
CA THR A 242 -8.28 -17.17 -9.89
C THR A 242 -6.82 -17.06 -10.34
N GLU A 243 -6.55 -16.12 -11.26
CA GLU A 243 -5.18 -15.75 -11.72
C GLU A 243 -4.16 -15.35 -10.62
N LEU A 244 -4.66 -14.90 -9.45
CA LEU A 244 -3.77 -14.42 -8.41
C LEU A 244 -3.53 -15.58 -7.46
N GLN A 245 -2.27 -16.03 -7.38
CA GLN A 245 -1.91 -17.16 -6.55
C GLN A 245 -0.93 -16.69 -5.48
N PRO A 246 -1.42 -16.57 -4.25
CA PRO A 246 -0.54 -16.14 -3.17
C PRO A 246 0.56 -17.19 -2.99
N ARG A 247 1.72 -16.76 -2.51
CA ARG A 247 2.87 -17.64 -2.45
C ARG A 247 3.13 -17.98 -1.02
N VAL A 248 3.52 -19.22 -0.78
CA VAL A 248 3.83 -19.60 0.58
C VAL A 248 5.15 -18.95 0.99
N VAL A 249 5.17 -18.35 2.17
CA VAL A 249 6.35 -17.59 2.59
C VAL A 249 7.11 -18.51 3.52
N PRO A 250 8.41 -18.70 3.23
CA PRO A 250 9.25 -19.59 4.06
C PRO A 250 9.18 -19.21 5.56
N GLN A 251 9.23 -20.21 6.45
CA GLN A 251 9.18 -20.02 7.91
C GLN A 251 9.78 -18.69 8.37
N DPN B 1 -5.29 10.02 9.60
CA DPN B 1 -6.51 9.30 9.20
C DPN B 1 -6.19 8.35 8.06
O DPN B 1 -5.08 7.84 7.98
CB DPN B 1 -6.99 8.41 10.31
CG DPN B 1 -7.34 9.14 11.56
CD1 DPN B 1 -6.45 9.16 12.65
CD2 DPN B 1 -8.55 9.82 11.66
CE1 DPN B 1 -6.81 9.83 13.86
CE2 DPN B 1 -8.87 10.50 12.84
CZ DPN B 1 -8.01 10.50 13.91
N PHE B 2 -7.19 8.07 7.23
CA PHE B 2 -7.01 7.14 6.10
C PHE B 2 -6.21 7.75 4.98
N ARM B 3 -5.15 7.07 4.60
CA ARM B 3 -4.16 7.63 3.68
CB ARM B 3 -2.83 7.12 4.21
CG ARM B 3 -2.44 7.87 5.50
CD ARM B 3 -1.22 7.19 6.14
NE ARM B 3 -0.86 7.92 7.36
CZ ARM B 3 0.08 7.49 8.23
NH1 ARM B 3 0.44 8.37 9.18
NH2 ARM B 3 0.59 6.30 8.19
C ARM B 3 -4.29 7.33 2.22
O ARM B 3 -3.58 7.93 1.39
CM ARM B 3 -5.71 7.41 1.65
S SO4 C . -0.78 14.20 6.18
O1 SO4 C . -0.38 12.79 5.91
O2 SO4 C . -0.51 14.51 7.62
O3 SO4 C . -2.20 14.42 5.96
O4 SO4 C . 0.06 15.06 5.34
S SO4 D . -8.30 -17.91 5.87
O1 SO4 D . -8.91 -17.78 7.20
O2 SO4 D . -7.26 -18.94 5.96
O3 SO4 D . -7.68 -16.60 5.59
O4 SO4 D . -9.38 -18.23 4.91
C1 GOL E . 8.54 -10.19 -6.25
O1 GOL E . 7.94 -10.93 -5.26
C2 GOL E . 9.92 -10.75 -6.43
O2 GOL E . 10.43 -9.78 -7.33
C3 GOL E . 10.69 -10.53 -5.14
O3 GOL E . 11.17 -11.80 -4.85
C1 GOL F . -14.83 12.47 -2.99
O1 GOL F . -15.68 11.41 -2.59
C2 GOL F . -15.67 13.71 -3.30
O2 GOL F . -15.65 13.96 -4.69
C3 GOL F . -15.00 14.88 -2.62
O3 GOL F . -13.59 14.85 -2.85
C1 GOL G . 14.32 -3.53 -3.75
O1 GOL G . 15.54 -2.93 -3.21
C2 GOL G . 14.65 -4.32 -4.99
O2 GOL G . 15.15 -3.44 -5.97
C3 GOL G . 13.45 -5.12 -5.54
O3 GOL G . 13.77 -5.80 -6.76
#